data_1M6R
# 
_entry.id   1M6R 
# 
_audit_conform.dict_name       mmcif_pdbx.dic 
_audit_conform.dict_version    5.386 
_audit_conform.dict_location   http://mmcif.pdb.org/dictionaries/ascii/mmcif_pdbx.dic 
# 
loop_
_database_2.database_id 
_database_2.database_code 
_database_2.pdbx_database_accession 
_database_2.pdbx_DOI 
PDB   1M6R         pdb_00001m6r 10.2210/pdb1m6r/pdb 
NDB   ZD0008       ?            ?                   
RCSB  RCSB016665   ?            ?                   
WWPDB D_1000016665 ?            ?                   
# 
loop_
_pdbx_audit_revision_history.ordinal 
_pdbx_audit_revision_history.data_content_type 
_pdbx_audit_revision_history.major_revision 
_pdbx_audit_revision_history.minor_revision 
_pdbx_audit_revision_history.revision_date 
1 'Structure model' 1 0 2003-02-25 
2 'Structure model' 1 1 2008-04-28 
3 'Structure model' 1 2 2011-07-13 
4 'Structure model' 1 3 2017-10-11 
5 'Structure model' 1 4 2024-02-14 
# 
_pdbx_audit_revision_details.ordinal             1 
_pdbx_audit_revision_details.revision_ordinal    1 
_pdbx_audit_revision_details.data_content_type   'Structure model' 
_pdbx_audit_revision_details.provider            repository 
_pdbx_audit_revision_details.type                'Initial release' 
_pdbx_audit_revision_details.description         ? 
_pdbx_audit_revision_details.details             ? 
# 
loop_
_pdbx_audit_revision_group.ordinal 
_pdbx_audit_revision_group.revision_ordinal 
_pdbx_audit_revision_group.data_content_type 
_pdbx_audit_revision_group.group 
1 2 'Structure model' 'Version format compliance' 
2 3 'Structure model' 'Version format compliance' 
3 4 'Structure model' 'Refinement description'    
4 5 'Structure model' 'Data collection'           
5 5 'Structure model' 'Database references'       
# 
loop_
_pdbx_audit_revision_category.ordinal 
_pdbx_audit_revision_category.revision_ordinal 
_pdbx_audit_revision_category.data_content_type 
_pdbx_audit_revision_category.category 
1 4 'Structure model' software       
2 5 'Structure model' chem_comp_atom 
3 5 'Structure model' chem_comp_bond 
4 5 'Structure model' database_2     
# 
loop_
_pdbx_audit_revision_item.ordinal 
_pdbx_audit_revision_item.revision_ordinal 
_pdbx_audit_revision_item.data_content_type 
_pdbx_audit_revision_item.item 
1 5 'Structure model' '_database_2.pdbx_DOI'                
2 5 'Structure model' '_database_2.pdbx_database_accession' 
# 
_pdbx_database_status.status_code                     REL 
_pdbx_database_status.entry_id                        1M6R 
_pdbx_database_status.recvd_initial_deposition_date   2002-07-17 
_pdbx_database_status.deposit_site                    RCSB 
_pdbx_database_status.process_site                    RCSB 
_pdbx_database_status.status_code_sf                  REL 
_pdbx_database_status.SG_entry                        . 
_pdbx_database_status.pdb_format_compatible           Y 
_pdbx_database_status.status_code_mr                  ? 
_pdbx_database_status.status_code_cs                  ? 
_pdbx_database_status.methods_development_category    ? 
_pdbx_database_status.status_code_nmr_data            ? 
# 
loop_
_audit_author.name 
_audit_author.pdbx_ordinal 
'Pan, B.'           1 
'Sundaralingam, M.' 2 
# 
_citation.id                        primary 
_citation.title                     
;Crystal structure of rGd(CGCGCG): a Z-DNA hexamer duplex with a 5'-(rG) overhang.
;
_citation.journal_abbrev            'Acta Crystallogr.,Sect.D' 
_citation.journal_volume            59 
_citation.page_first                433 
_citation.page_last                 437 
_citation.year                      2003 
_citation.journal_id_ASTM           ABCRE6 
_citation.country                   DK 
_citation.journal_id_ISSN           0907-4449 
_citation.journal_id_CSD            0766 
_citation.book_publisher            ? 
_citation.pdbx_database_id_PubMed   12595699 
_citation.pdbx_database_id_DOI      10.1107/S0907444902022655 
# 
loop_
_citation_author.citation_id 
_citation_author.name 
_citation_author.ordinal 
_citation_author.identifier_ORCID 
primary 'Pan, B.'           1 ? 
primary 'Sundaralingam, M.' 2 ? 
# 
loop_
_entity.id 
_entity.type 
_entity.src_method 
_entity.pdbx_description 
_entity.formula_weight 
_entity.pdbx_number_of_molecules 
_entity.pdbx_ec 
_entity.pdbx_mutation 
_entity.pdbx_fragment 
_entity.details 
1 polymer syn "5'-R(*G)D(*CP*GP*CP*GP*CP*G)-3'" 2139.411 2  ? ? ? ? 
2 water   nat water                             18.015   63 ? ? ? ? 
# 
_entity_poly.entity_id                      1 
_entity_poly.type                           polydeoxyribonucleotide 
_entity_poly.nstd_linkage                   no 
_entity_poly.nstd_monomer                   no 
_entity_poly.pdbx_seq_one_letter_code       '(DG)(DC)(DG)(DC)(DG)(DC)(DG)' 
_entity_poly.pdbx_seq_one_letter_code_can   GCGCGCG 
_entity_poly.pdbx_strand_id                 A,B 
_entity_poly.pdbx_target_identifier         ? 
# 
_pdbx_entity_nonpoly.entity_id   2 
_pdbx_entity_nonpoly.name        water 
_pdbx_entity_nonpoly.comp_id     HOH 
# 
loop_
_entity_poly_seq.entity_id 
_entity_poly_seq.num 
_entity_poly_seq.mon_id 
_entity_poly_seq.hetero 
1 1 DG n 
1 2 DC n 
1 3 DG n 
1 4 DC n 
1 5 DG n 
1 6 DC n 
1 7 DG n 
# 
loop_
_chem_comp.id 
_chem_comp.type 
_chem_comp.mon_nstd_flag 
_chem_comp.name 
_chem_comp.pdbx_synonyms 
_chem_comp.formula 
_chem_comp.formula_weight 
DC  'DNA linking' y "2'-DEOXYCYTIDINE-5'-MONOPHOSPHATE"  ? 'C9 H14 N3 O7 P'  307.197 
DG  'DNA linking' y "2'-DEOXYGUANOSINE-5'-MONOPHOSPHATE" ? 'C10 H14 N5 O7 P' 347.221 
HOH non-polymer   . WATER                                ? 'H2 O'            18.015  
# 
loop_
_pdbx_poly_seq_scheme.asym_id 
_pdbx_poly_seq_scheme.entity_id 
_pdbx_poly_seq_scheme.seq_id 
_pdbx_poly_seq_scheme.mon_id 
_pdbx_poly_seq_scheme.ndb_seq_num 
_pdbx_poly_seq_scheme.pdb_seq_num 
_pdbx_poly_seq_scheme.auth_seq_num 
_pdbx_poly_seq_scheme.pdb_mon_id 
_pdbx_poly_seq_scheme.auth_mon_id 
_pdbx_poly_seq_scheme.pdb_strand_id 
_pdbx_poly_seq_scheme.pdb_ins_code 
_pdbx_poly_seq_scheme.hetero 
A 1 1 DG 1 0  ?  ?  ?   A . n 
A 1 2 DC 2 1  1  DC CYT A . n 
A 1 3 DG 3 2  2  DG GUA A . n 
A 1 4 DC 4 3  3  DC CYT A . n 
A 1 5 DG 5 4  4  DG GUA A . n 
A 1 6 DC 6 5  5  DC CYT A . n 
A 1 7 DG 7 6  6  DG GUA A . n 
B 1 1 DG 1 6  ?  ?  ?   B . n 
B 1 2 DC 2 7  7  DC CYT B . n 
B 1 3 DG 3 8  8  DG GUA B . n 
B 1 4 DC 4 9  9  DC CYT B . n 
B 1 5 DG 5 10 10 DG GUA B . n 
B 1 6 DC 6 11 11 DC CYT B . n 
B 1 7 DG 7 12 12 DG GUA B . n 
# 
loop_
_pdbx_nonpoly_scheme.asym_id 
_pdbx_nonpoly_scheme.entity_id 
_pdbx_nonpoly_scheme.mon_id 
_pdbx_nonpoly_scheme.ndb_seq_num 
_pdbx_nonpoly_scheme.pdb_seq_num 
_pdbx_nonpoly_scheme.auth_seq_num 
_pdbx_nonpoly_scheme.pdb_mon_id 
_pdbx_nonpoly_scheme.auth_mon_id 
_pdbx_nonpoly_scheme.pdb_strand_id 
_pdbx_nonpoly_scheme.pdb_ins_code 
C 2 HOH 1  101 101 HOH WAT A . 
C 2 HOH 2  102 102 HOH WAT A . 
C 2 HOH 3  113 113 HOH WAT A . 
C 2 HOH 4  114 114 HOH WAT A . 
C 2 HOH 5  115 115 HOH WAT A . 
C 2 HOH 6  116 116 HOH WAT A . 
C 2 HOH 7  117 117 HOH WAT A . 
C 2 HOH 8  118 118 HOH WAT A . 
C 2 HOH 9  119 119 HOH WAT A . 
C 2 HOH 10 121 121 HOH WAT A . 
C 2 HOH 11 123 123 HOH WAT A . 
C 2 HOH 12 124 124 HOH WAT A . 
C 2 HOH 13 127 127 HOH WAT A . 
C 2 HOH 14 128 128 HOH WAT A . 
C 2 HOH 15 134 134 HOH WAT A . 
C 2 HOH 16 135 135 HOH WAT A . 
C 2 HOH 17 136 136 HOH WAT A . 
C 2 HOH 18 137 137 HOH WAT A . 
C 2 HOH 19 139 139 HOH WAT A . 
C 2 HOH 20 140 140 HOH WAT A . 
C 2 HOH 21 148 148 HOH WAT A . 
C 2 HOH 22 149 149 HOH WAT A . 
C 2 HOH 23 150 150 HOH WAT A . 
C 2 HOH 24 151 151 HOH WAT A . 
C 2 HOH 25 152 152 HOH WAT A . 
C 2 HOH 26 161 161 HOH WAT A . 
D 2 HOH 1  103 103 HOH WAT B . 
D 2 HOH 2  104 104 HOH WAT B . 
D 2 HOH 3  105 105 HOH WAT B . 
D 2 HOH 4  106 106 HOH WAT B . 
D 2 HOH 5  107 107 HOH WAT B . 
D 2 HOH 6  108 108 HOH WAT B . 
D 2 HOH 7  109 109 HOH WAT B . 
D 2 HOH 8  110 110 HOH WAT B . 
D 2 HOH 9  111 111 HOH WAT B . 
D 2 HOH 10 112 112 HOH WAT B . 
D 2 HOH 11 120 120 HOH WAT B . 
D 2 HOH 12 122 122 HOH WAT B . 
D 2 HOH 13 125 125 HOH WAT B . 
D 2 HOH 14 126 126 HOH WAT B . 
D 2 HOH 15 129 129 HOH WAT B . 
D 2 HOH 16 130 130 HOH WAT B . 
D 2 HOH 17 131 131 HOH WAT B . 
D 2 HOH 18 132 132 HOH WAT B . 
D 2 HOH 19 133 133 HOH WAT B . 
D 2 HOH 20 138 138 HOH WAT B . 
D 2 HOH 21 141 141 HOH WAT B . 
D 2 HOH 22 142 142 HOH WAT B . 
D 2 HOH 23 143 143 HOH WAT B . 
D 2 HOH 24 144 144 HOH WAT B . 
D 2 HOH 25 145 145 HOH WAT B . 
D 2 HOH 26 146 146 HOH WAT B . 
D 2 HOH 27 147 147 HOH WAT B . 
D 2 HOH 28 153 153 HOH WAT B . 
D 2 HOH 29 154 154 HOH WAT B . 
D 2 HOH 30 155 155 HOH WAT B . 
D 2 HOH 31 156 156 HOH WAT B . 
D 2 HOH 32 157 157 HOH WAT B . 
D 2 HOH 33 158 158 HOH WAT B . 
D 2 HOH 34 159 159 HOH WAT B . 
D 2 HOH 35 160 160 HOH WAT B . 
D 2 HOH 36 162 162 HOH WAT B . 
D 2 HOH 37 163 163 HOH WAT B . 
# 
loop_
_pdbx_unobs_or_zero_occ_atoms.id 
_pdbx_unobs_or_zero_occ_atoms.PDB_model_num 
_pdbx_unobs_or_zero_occ_atoms.polymer_flag 
_pdbx_unobs_or_zero_occ_atoms.occupancy_flag 
_pdbx_unobs_or_zero_occ_atoms.auth_asym_id 
_pdbx_unobs_or_zero_occ_atoms.auth_comp_id 
_pdbx_unobs_or_zero_occ_atoms.auth_seq_id 
_pdbx_unobs_or_zero_occ_atoms.PDB_ins_code 
_pdbx_unobs_or_zero_occ_atoms.auth_atom_id 
_pdbx_unobs_or_zero_occ_atoms.label_alt_id 
_pdbx_unobs_or_zero_occ_atoms.label_asym_id 
_pdbx_unobs_or_zero_occ_atoms.label_comp_id 
_pdbx_unobs_or_zero_occ_atoms.label_seq_id 
_pdbx_unobs_or_zero_occ_atoms.label_atom_id 
1 1 Y 1 A DC 1 ? P   ? A DC 2 P   
2 1 Y 1 A DC 1 ? OP1 ? A DC 2 OP1 
3 1 Y 1 A DC 1 ? OP2 ? A DC 2 OP2 
4 1 Y 1 B DC 7 ? P   ? B DC 2 P   
5 1 Y 1 B DC 7 ? OP1 ? B DC 2 OP1 
6 1 Y 1 B DC 7 ? OP2 ? B DC 2 OP2 
# 
_software.name             CNS 
_software.classification   refinement 
_software.version          1.1 
_software.citation_id      ? 
_software.pdbx_ordinal     1 
# 
_cell.entry_id           1M6R 
_cell.length_a           17.96 
_cell.length_b           31.47 
_cell.length_c           44.73 
_cell.angle_alpha        90.0 
_cell.angle_beta         90.0 
_cell.angle_gamma        90.0 
_cell.pdbx_unique_axis   ? 
_cell.Z_PDB              8 
# 
_symmetry.entry_id                         1M6R 
_symmetry.space_group_name_H-M             'P 21 21 21' 
_symmetry.pdbx_full_space_group_name_H-M   ? 
_symmetry.Int_Tables_number                19 
_symmetry.cell_setting                     ? 
# 
_exptl.entry_id          1M6R 
_exptl.method            'X-RAY DIFFRACTION' 
_exptl.crystals_number   1 
# 
_exptl_crystal.id                    1 
_exptl_crystal.density_meas          ? 
_exptl_crystal.density_Matthews      ? 
_exptl_crystal.density_percent_sol   ? 
_exptl_crystal.description           ? 
# 
_exptl_crystal_grow.crystal_id      1 
_exptl_crystal_grow.method          'VAPOR DIFFUSION, HANGING DROP' 
_exptl_crystal_grow.temp            298 
_exptl_crystal_grow.temp_details    ? 
_exptl_crystal_grow.pH              6.5 
_exptl_crystal_grow.pdbx_details    
;2-propanol (at reservoir), Spermine tetrachloride, magnesium chloride, cacodylate, pH 6.5, VAPOR DIFFUSION, HANGING DROP, temperature 298K
;
_exptl_crystal_grow.pdbx_pH_range   . 
# 
loop_
_exptl_crystal_grow_comp.crystal_id 
_exptl_crystal_grow_comp.id 
_exptl_crystal_grow_comp.sol_id 
_exptl_crystal_grow_comp.name 
_exptl_crystal_grow_comp.conc 
_exptl_crystal_grow_comp.volume 
_exptl_crystal_grow_comp.details 
1 1 1 'Spermine tetrachloride' ? ? ? 
1 2 1 MgCl2                    ? ? ? 
1 3 1 cacodylate               ? ? ? 
1 4 2 2-propanol               ? ? ? 
1 5 2 MgCl2                    ? ? ? 
# 
_diffrn.id                     1 
_diffrn.ambient_temp           298 
_diffrn.ambient_temp_details   ? 
_diffrn.crystal_id             1 
# 
_diffrn_detector.diffrn_id              1 
_diffrn_detector.detector               'IMAGE PLATE' 
_diffrn_detector.type                   'RIGAKU RAXIS IIC' 
_diffrn_detector.pdbx_collection_date   1997-05-08 
_diffrn_detector.details                mirrors 
# 
_diffrn_radiation.diffrn_id                        1 
_diffrn_radiation.wavelength_id                    1 
_diffrn_radiation.pdbx_monochromatic_or_laue_m_l   M 
_diffrn_radiation.monochromator                    graphite 
_diffrn_radiation.pdbx_diffrn_protocol             'SINGLE WAVELENGTH' 
_diffrn_radiation.pdbx_scattering_type             x-ray 
# 
_diffrn_radiation_wavelength.id           1 
_diffrn_radiation_wavelength.wavelength   1.5418 
_diffrn_radiation_wavelength.wt           1.0 
# 
_diffrn_source.diffrn_id                   1 
_diffrn_source.source                      'ROTATING ANODE' 
_diffrn_source.type                        RIGAKU 
_diffrn_source.pdbx_synchrotron_site       ? 
_diffrn_source.pdbx_synchrotron_beamline   ? 
_diffrn_source.pdbx_wavelength             ? 
_diffrn_source.pdbx_wavelength_list        1.5418 
# 
_reflns.entry_id                     1M6R 
_reflns.observed_criterion_sigma_F   2.0 
_reflns.observed_criterion_sigma_I   2.0 
_reflns.d_resolution_high            1.54 
_reflns.d_resolution_low             29.0 
_reflns.number_all                   ? 
_reflns.number_obs                   3576 
_reflns.percent_possible_obs         87.1 
_reflns.pdbx_Rmerge_I_obs            0.049 
_reflns.pdbx_Rsym_value              ? 
_reflns.pdbx_netI_over_sigmaI        ? 
_reflns.B_iso_Wilson_estimate        ? 
_reflns.pdbx_redundancy              ? 
_reflns.R_free_details               ? 
_reflns.pdbx_diffrn_id               1 
_reflns.pdbx_ordinal                 1 
# 
_reflns_shell.d_res_high             1.54 
_reflns_shell.d_res_low              1.65 
_reflns_shell.percent_possible_all   79.9 
_reflns_shell.Rmerge_I_obs           0.195 
_reflns_shell.pdbx_Rsym_value        ? 
_reflns_shell.meanI_over_sigI_obs    ? 
_reflns_shell.pdbx_redundancy        ? 
_reflns_shell.percent_possible_obs   ? 
_reflns_shell.number_unique_all      ? 
_reflns_shell.pdbx_diffrn_id         ? 
_reflns_shell.pdbx_ordinal           1 
# 
_refine.entry_id                                 1M6R 
_refine.ls_d_res_high                            1.54 
_refine.ls_d_res_low                             8.00 
_refine.pdbx_ls_sigma_F                          1.0 
_refine.pdbx_ls_sigma_I                          ? 
_refine.ls_number_reflns_all                     ? 
_refine.ls_number_reflns_obs                     3537 
_refine.ls_number_reflns_R_free                  352 
_refine.ls_percent_reflns_obs                    87.8 
_refine.ls_R_factor_all                          ? 
_refine.ls_R_factor_obs                          ? 
_refine.ls_R_factor_R_work                       0.162 
_refine.ls_R_factor_R_free                       0.191 
_refine.ls_redundancy_reflns_obs                 ? 
_refine.pdbx_data_cutoff_high_absF               ? 
_refine.pdbx_data_cutoff_low_absF                ? 
_refine.ls_number_parameters                     ? 
_refine.ls_number_restraints                     ? 
_refine.ls_percent_reflns_R_free                 ? 
_refine.ls_R_factor_R_free_error                 ? 
_refine.ls_R_factor_R_free_error_details         ? 
_refine.pdbx_method_to_determine_struct          'MOLECULAR REPLACEMENT' 
_refine.pdbx_starting_model                      ? 
_refine.pdbx_ls_cross_valid_method               ? 
_refine.pdbx_R_Free_selection_details            random 
_refine.pdbx_stereochem_target_val_spec_case     ? 
_refine.pdbx_stereochemistry_target_values       ? 
_refine.solvent_model_details                    ? 
_refine.solvent_model_param_bsol                 ? 
_refine.solvent_model_param_ksol                 ? 
_refine.occupancy_max                            ? 
_refine.occupancy_min                            ? 
_refine.pdbx_isotropic_thermal_model             isotropic 
_refine.B_iso_mean                               ? 
_refine.aniso_B[1][1]                            ? 
_refine.aniso_B[1][2]                            ? 
_refine.aniso_B[1][3]                            ? 
_refine.aniso_B[2][2]                            ? 
_refine.aniso_B[2][3]                            ? 
_refine.aniso_B[3][3]                            ? 
_refine.details                                  ? 
_refine.correlation_coeff_Fo_to_Fc               ? 
_refine.correlation_coeff_Fo_to_Fc_free          ? 
_refine.pdbx_solvent_vdw_probe_radii             ? 
_refine.pdbx_solvent_ion_probe_radii             ? 
_refine.pdbx_solvent_shrinkage_radii             ? 
_refine.overall_SU_R_Cruickshank_DPI             ? 
_refine.overall_SU_R_free                        ? 
_refine.overall_SU_B                             ? 
_refine.overall_SU_ML                            ? 
_refine.pdbx_overall_ESU_R                       ? 
_refine.pdbx_overall_ESU_R_Free                  ? 
_refine.pdbx_data_cutoff_high_rms_absF           ? 
_refine.pdbx_refine_id                           'X-RAY DIFFRACTION' 
_refine.pdbx_diffrn_id                           1 
_refine.pdbx_TLS_residual_ADP_flag               ? 
_refine.pdbx_overall_phase_error                 ? 
_refine.pdbx_overall_SU_R_free_Cruickshank_DPI   ? 
_refine.pdbx_overall_SU_R_Blow_DPI               ? 
_refine.pdbx_overall_SU_R_free_Blow_DPI          ? 
# 
_refine_hist.pdbx_refine_id                   'X-RAY DIFFRACTION' 
_refine_hist.cycle_id                         LAST 
_refine_hist.pdbx_number_atoms_protein        0 
_refine_hist.pdbx_number_atoms_nucleic_acid   240 
_refine_hist.pdbx_number_atoms_ligand         0 
_refine_hist.number_atoms_solvent             63 
_refine_hist.number_atoms_total               303 
_refine_hist.d_res_high                       1.54 
_refine_hist.d_res_low                        8.00 
# 
loop_
_refine_ls_restr.type 
_refine_ls_restr.dev_ideal 
_refine_ls_restr.dev_ideal_target 
_refine_ls_restr.weight 
_refine_ls_restr.number 
_refine_ls_restr.pdbx_refine_id 
_refine_ls_restr.pdbx_restraint_function 
x_angle_d          1.3   ? ? ? 'X-RAY DIFFRACTION' ? 
x_bond_d           0.007 ? ? ? 'X-RAY DIFFRACTION' ? 
x_dihedral_angle_d 34.4  ? ? ? 'X-RAY DIFFRACTION' ? 
x_improper_angle_d 1.2   ? ? ? 'X-RAY DIFFRACTION' ? 
# 
_struct.entry_id                  1M6R 
_struct.title                     
;Crystal structure of rGd(CGCGCG) forming hexamer Z-DNA duplex with 5'-(rG) overhang
;
_struct.pdbx_model_details        ? 
_struct.pdbx_CASP_flag            ? 
_struct.pdbx_model_type_details   ? 
# 
_struct_keywords.entry_id        1M6R 
_struct_keywords.pdbx_keywords   DNA 
_struct_keywords.text            'Z-DNA, overhang, DNA' 
# 
loop_
_struct_asym.id 
_struct_asym.pdbx_blank_PDB_chainid_flag 
_struct_asym.pdbx_modified 
_struct_asym.entity_id 
_struct_asym.details 
A N N 1 ? 
B N N 1 ? 
C N N 2 ? 
D N N 2 ? 
# 
_struct_ref.id                         1 
_struct_ref.entity_id                  1 
_struct_ref.db_name                    PDB 
_struct_ref.db_code                    1M6R 
_struct_ref.pdbx_db_accession          1M6R 
_struct_ref.pdbx_db_isoform            ? 
_struct_ref.pdbx_seq_one_letter_code   ? 
_struct_ref.pdbx_align_begin           ? 
# 
loop_
_struct_ref_seq.align_id 
_struct_ref_seq.ref_id 
_struct_ref_seq.pdbx_PDB_id_code 
_struct_ref_seq.pdbx_strand_id 
_struct_ref_seq.seq_align_beg 
_struct_ref_seq.pdbx_seq_align_beg_ins_code 
_struct_ref_seq.seq_align_end 
_struct_ref_seq.pdbx_seq_align_end_ins_code 
_struct_ref_seq.pdbx_db_accession 
_struct_ref_seq.db_align_beg 
_struct_ref_seq.pdbx_db_align_beg_ins_code 
_struct_ref_seq.db_align_end 
_struct_ref_seq.pdbx_db_align_end_ins_code 
_struct_ref_seq.pdbx_auth_seq_align_beg 
_struct_ref_seq.pdbx_auth_seq_align_end 
1 1 1M6R A 1 ? 7 ? 1M6R 0 ? 6  ? 0 6  
2 1 1M6R B 1 ? 7 ? 1M6R 6 ? 12 ? 6 12 
# 
_pdbx_struct_assembly.id                   1 
_pdbx_struct_assembly.details              author_defined_assembly 
_pdbx_struct_assembly.method_details       ? 
_pdbx_struct_assembly.oligomeric_details   dimeric 
_pdbx_struct_assembly.oligomeric_count     2 
# 
_pdbx_struct_assembly_gen.assembly_id       1 
_pdbx_struct_assembly_gen.oper_expression   1 
_pdbx_struct_assembly_gen.asym_id_list      A,B,C,D 
# 
_pdbx_struct_oper_list.id                   1 
_pdbx_struct_oper_list.type                 'identity operation' 
_pdbx_struct_oper_list.name                 1_555 
_pdbx_struct_oper_list.symmetry_operation   x,y,z 
_pdbx_struct_oper_list.matrix[1][1]         1.0000000000 
_pdbx_struct_oper_list.matrix[1][2]         0.0000000000 
_pdbx_struct_oper_list.matrix[1][3]         0.0000000000 
_pdbx_struct_oper_list.vector[1]            0.0000000000 
_pdbx_struct_oper_list.matrix[2][1]         0.0000000000 
_pdbx_struct_oper_list.matrix[2][2]         1.0000000000 
_pdbx_struct_oper_list.matrix[2][3]         0.0000000000 
_pdbx_struct_oper_list.vector[2]            0.0000000000 
_pdbx_struct_oper_list.matrix[3][1]         0.0000000000 
_pdbx_struct_oper_list.matrix[3][2]         0.0000000000 
_pdbx_struct_oper_list.matrix[3][3]         1.0000000000 
_pdbx_struct_oper_list.vector[3]            0.0000000000 
# 
_struct_biol.id                    1 
_struct_biol.pdbx_parent_biol_id   ? 
_struct_biol.details               ? 
# 
loop_
_struct_conn.id 
_struct_conn.conn_type_id 
_struct_conn.pdbx_leaving_atom_flag 
_struct_conn.pdbx_PDB_id 
_struct_conn.ptnr1_label_asym_id 
_struct_conn.ptnr1_label_comp_id 
_struct_conn.ptnr1_label_seq_id 
_struct_conn.ptnr1_label_atom_id 
_struct_conn.pdbx_ptnr1_label_alt_id 
_struct_conn.pdbx_ptnr1_PDB_ins_code 
_struct_conn.pdbx_ptnr1_standard_comp_id 
_struct_conn.ptnr1_symmetry 
_struct_conn.ptnr2_label_asym_id 
_struct_conn.ptnr2_label_comp_id 
_struct_conn.ptnr2_label_seq_id 
_struct_conn.ptnr2_label_atom_id 
_struct_conn.pdbx_ptnr2_label_alt_id 
_struct_conn.pdbx_ptnr2_PDB_ins_code 
_struct_conn.ptnr1_auth_asym_id 
_struct_conn.ptnr1_auth_comp_id 
_struct_conn.ptnr1_auth_seq_id 
_struct_conn.ptnr2_auth_asym_id 
_struct_conn.ptnr2_auth_comp_id 
_struct_conn.ptnr2_auth_seq_id 
_struct_conn.ptnr2_symmetry 
_struct_conn.pdbx_ptnr3_label_atom_id 
_struct_conn.pdbx_ptnr3_label_seq_id 
_struct_conn.pdbx_ptnr3_label_comp_id 
_struct_conn.pdbx_ptnr3_label_asym_id 
_struct_conn.pdbx_ptnr3_label_alt_id 
_struct_conn.pdbx_ptnr3_PDB_ins_code 
_struct_conn.details 
_struct_conn.pdbx_dist_value 
_struct_conn.pdbx_value_order 
_struct_conn.pdbx_role 
hydrog1  hydrog ? ? A DC 2 N3 ? ? ? 1_555 B DG 7 N1 ? ? A DC 1 B DG 12 1_555 ? ? ? ? ? ? WATSON-CRICK ? ? ? 
hydrog2  hydrog ? ? A DC 2 N4 ? ? ? 1_555 B DG 7 O6 ? ? A DC 1 B DG 12 1_555 ? ? ? ? ? ? WATSON-CRICK ? ? ? 
hydrog3  hydrog ? ? A DC 2 O2 ? ? ? 1_555 B DG 7 N2 ? ? A DC 1 B DG 12 1_555 ? ? ? ? ? ? WATSON-CRICK ? ? ? 
hydrog4  hydrog ? ? A DG 3 N1 ? ? ? 1_555 B DC 6 N3 ? ? A DG 2 B DC 11 1_555 ? ? ? ? ? ? WATSON-CRICK ? ? ? 
hydrog5  hydrog ? ? A DG 3 N2 ? ? ? 1_555 B DC 6 O2 ? ? A DG 2 B DC 11 1_555 ? ? ? ? ? ? WATSON-CRICK ? ? ? 
hydrog6  hydrog ? ? A DG 3 O6 ? ? ? 1_555 B DC 6 N4 ? ? A DG 2 B DC 11 1_555 ? ? ? ? ? ? WATSON-CRICK ? ? ? 
hydrog7  hydrog ? ? A DC 4 N3 ? ? ? 1_555 B DG 5 N1 ? ? A DC 3 B DG 10 1_555 ? ? ? ? ? ? WATSON-CRICK ? ? ? 
hydrog8  hydrog ? ? A DC 4 N4 ? ? ? 1_555 B DG 5 O6 ? ? A DC 3 B DG 10 1_555 ? ? ? ? ? ? WATSON-CRICK ? ? ? 
hydrog9  hydrog ? ? A DC 4 O2 ? ? ? 1_555 B DG 5 N2 ? ? A DC 3 B DG 10 1_555 ? ? ? ? ? ? WATSON-CRICK ? ? ? 
hydrog10 hydrog ? ? A DG 5 N1 ? ? ? 1_555 B DC 4 N3 ? ? A DG 4 B DC 9  1_555 ? ? ? ? ? ? WATSON-CRICK ? ? ? 
hydrog11 hydrog ? ? A DG 5 N2 ? ? ? 1_555 B DC 4 O2 ? ? A DG 4 B DC 9  1_555 ? ? ? ? ? ? WATSON-CRICK ? ? ? 
hydrog12 hydrog ? ? A DG 5 O6 ? ? ? 1_555 B DC 4 N4 ? ? A DG 4 B DC 9  1_555 ? ? ? ? ? ? WATSON-CRICK ? ? ? 
hydrog13 hydrog ? ? A DC 6 N3 ? ? ? 1_555 B DG 3 N1 ? ? A DC 5 B DG 8  1_555 ? ? ? ? ? ? WATSON-CRICK ? ? ? 
hydrog14 hydrog ? ? A DC 6 N4 ? ? ? 1_555 B DG 3 O6 ? ? A DC 5 B DG 8  1_555 ? ? ? ? ? ? WATSON-CRICK ? ? ? 
hydrog15 hydrog ? ? A DC 6 O2 ? ? ? 1_555 B DG 3 N2 ? ? A DC 5 B DG 8  1_555 ? ? ? ? ? ? WATSON-CRICK ? ? ? 
hydrog16 hydrog ? ? A DG 7 N1 ? ? ? 1_555 B DC 2 N3 ? ? A DG 6 B DC 7  1_555 ? ? ? ? ? ? WATSON-CRICK ? ? ? 
hydrog17 hydrog ? ? A DG 7 N2 ? ? ? 1_555 B DC 2 O2 ? ? A DG 6 B DC 7  1_555 ? ? ? ? ? ? WATSON-CRICK ? ? ? 
hydrog18 hydrog ? ? A DG 7 O6 ? ? ? 1_555 B DC 2 N4 ? ? A DG 6 B DC 7  1_555 ? ? ? ? ? ? WATSON-CRICK ? ? ? 
# 
_struct_conn_type.id          hydrog 
_struct_conn_type.criteria    ? 
_struct_conn_type.reference   ? 
# 
loop_
_pdbx_unobs_or_zero_occ_residues.id 
_pdbx_unobs_or_zero_occ_residues.PDB_model_num 
_pdbx_unobs_or_zero_occ_residues.polymer_flag 
_pdbx_unobs_or_zero_occ_residues.occupancy_flag 
_pdbx_unobs_or_zero_occ_residues.auth_asym_id 
_pdbx_unobs_or_zero_occ_residues.auth_comp_id 
_pdbx_unobs_or_zero_occ_residues.auth_seq_id 
_pdbx_unobs_or_zero_occ_residues.PDB_ins_code 
_pdbx_unobs_or_zero_occ_residues.label_asym_id 
_pdbx_unobs_or_zero_occ_residues.label_comp_id 
_pdbx_unobs_or_zero_occ_residues.label_seq_id 
1 1 Y 1 A DG 0 ? A DG 1 
2 1 Y 1 B DG 6 ? B DG 1 
# 
loop_
_chem_comp_atom.comp_id 
_chem_comp_atom.atom_id 
_chem_comp_atom.type_symbol 
_chem_comp_atom.pdbx_aromatic_flag 
_chem_comp_atom.pdbx_stereo_config 
_chem_comp_atom.pdbx_ordinal 
DC  OP3    O N N 1  
DC  P      P N N 2  
DC  OP1    O N N 3  
DC  OP2    O N N 4  
DC  "O5'"  O N N 5  
DC  "C5'"  C N N 6  
DC  "C4'"  C N R 7  
DC  "O4'"  O N N 8  
DC  "C3'"  C N S 9  
DC  "O3'"  O N N 10 
DC  "C2'"  C N N 11 
DC  "C1'"  C N R 12 
DC  N1     N N N 13 
DC  C2     C N N 14 
DC  O2     O N N 15 
DC  N3     N N N 16 
DC  C4     C N N 17 
DC  N4     N N N 18 
DC  C5     C N N 19 
DC  C6     C N N 20 
DC  HOP3   H N N 21 
DC  HOP2   H N N 22 
DC  "H5'"  H N N 23 
DC  "H5''" H N N 24 
DC  "H4'"  H N N 25 
DC  "H3'"  H N N 26 
DC  "HO3'" H N N 27 
DC  "H2'"  H N N 28 
DC  "H2''" H N N 29 
DC  "H1'"  H N N 30 
DC  H41    H N N 31 
DC  H42    H N N 32 
DC  H5     H N N 33 
DC  H6     H N N 34 
DG  OP3    O N N 35 
DG  P      P N N 36 
DG  OP1    O N N 37 
DG  OP2    O N N 38 
DG  "O5'"  O N N 39 
DG  "C5'"  C N N 40 
DG  "C4'"  C N R 41 
DG  "O4'"  O N N 42 
DG  "C3'"  C N S 43 
DG  "O3'"  O N N 44 
DG  "C2'"  C N N 45 
DG  "C1'"  C N R 46 
DG  N9     N Y N 47 
DG  C8     C Y N 48 
DG  N7     N Y N 49 
DG  C5     C Y N 50 
DG  C6     C N N 51 
DG  O6     O N N 52 
DG  N1     N N N 53 
DG  C2     C N N 54 
DG  N2     N N N 55 
DG  N3     N N N 56 
DG  C4     C Y N 57 
DG  HOP3   H N N 58 
DG  HOP2   H N N 59 
DG  "H5'"  H N N 60 
DG  "H5''" H N N 61 
DG  "H4'"  H N N 62 
DG  "H3'"  H N N 63 
DG  "HO3'" H N N 64 
DG  "H2'"  H N N 65 
DG  "H2''" H N N 66 
DG  "H1'"  H N N 67 
DG  H8     H N N 68 
DG  H1     H N N 69 
DG  H21    H N N 70 
DG  H22    H N N 71 
HOH O      O N N 72 
HOH H1     H N N 73 
HOH H2     H N N 74 
# 
loop_
_chem_comp_bond.comp_id 
_chem_comp_bond.atom_id_1 
_chem_comp_bond.atom_id_2 
_chem_comp_bond.value_order 
_chem_comp_bond.pdbx_aromatic_flag 
_chem_comp_bond.pdbx_stereo_config 
_chem_comp_bond.pdbx_ordinal 
DC  OP3   P      sing N N 1  
DC  OP3   HOP3   sing N N 2  
DC  P     OP1    doub N N 3  
DC  P     OP2    sing N N 4  
DC  P     "O5'"  sing N N 5  
DC  OP2   HOP2   sing N N 6  
DC  "O5'" "C5'"  sing N N 7  
DC  "C5'" "C4'"  sing N N 8  
DC  "C5'" "H5'"  sing N N 9  
DC  "C5'" "H5''" sing N N 10 
DC  "C4'" "O4'"  sing N N 11 
DC  "C4'" "C3'"  sing N N 12 
DC  "C4'" "H4'"  sing N N 13 
DC  "O4'" "C1'"  sing N N 14 
DC  "C3'" "O3'"  sing N N 15 
DC  "C3'" "C2'"  sing N N 16 
DC  "C3'" "H3'"  sing N N 17 
DC  "O3'" "HO3'" sing N N 18 
DC  "C2'" "C1'"  sing N N 19 
DC  "C2'" "H2'"  sing N N 20 
DC  "C2'" "H2''" sing N N 21 
DC  "C1'" N1     sing N N 22 
DC  "C1'" "H1'"  sing N N 23 
DC  N1    C2     sing N N 24 
DC  N1    C6     sing N N 25 
DC  C2    O2     doub N N 26 
DC  C2    N3     sing N N 27 
DC  N3    C4     doub N N 28 
DC  C4    N4     sing N N 29 
DC  C4    C5     sing N N 30 
DC  N4    H41    sing N N 31 
DC  N4    H42    sing N N 32 
DC  C5    C6     doub N N 33 
DC  C5    H5     sing N N 34 
DC  C6    H6     sing N N 35 
DG  OP3   P      sing N N 36 
DG  OP3   HOP3   sing N N 37 
DG  P     OP1    doub N N 38 
DG  P     OP2    sing N N 39 
DG  P     "O5'"  sing N N 40 
DG  OP2   HOP2   sing N N 41 
DG  "O5'" "C5'"  sing N N 42 
DG  "C5'" "C4'"  sing N N 43 
DG  "C5'" "H5'"  sing N N 44 
DG  "C5'" "H5''" sing N N 45 
DG  "C4'" "O4'"  sing N N 46 
DG  "C4'" "C3'"  sing N N 47 
DG  "C4'" "H4'"  sing N N 48 
DG  "O4'" "C1'"  sing N N 49 
DG  "C3'" "O3'"  sing N N 50 
DG  "C3'" "C2'"  sing N N 51 
DG  "C3'" "H3'"  sing N N 52 
DG  "O3'" "HO3'" sing N N 53 
DG  "C2'" "C1'"  sing N N 54 
DG  "C2'" "H2'"  sing N N 55 
DG  "C2'" "H2''" sing N N 56 
DG  "C1'" N9     sing N N 57 
DG  "C1'" "H1'"  sing N N 58 
DG  N9    C8     sing Y N 59 
DG  N9    C4     sing Y N 60 
DG  C8    N7     doub Y N 61 
DG  C8    H8     sing N N 62 
DG  N7    C5     sing Y N 63 
DG  C5    C6     sing N N 64 
DG  C5    C4     doub Y N 65 
DG  C6    O6     doub N N 66 
DG  C6    N1     sing N N 67 
DG  N1    C2     sing N N 68 
DG  N1    H1     sing N N 69 
DG  C2    N2     sing N N 70 
DG  C2    N3     doub N N 71 
DG  N2    H21    sing N N 72 
DG  N2    H22    sing N N 73 
DG  N3    C4     sing N N 74 
HOH O     H1     sing N N 75 
HOH O     H2     sing N N 76 
# 
_ndb_struct_conf_na.entry_id   1M6R 
_ndb_struct_conf_na.feature    'z-form double helix' 
# 
loop_
_ndb_struct_na_base_pair.model_number 
_ndb_struct_na_base_pair.i_label_asym_id 
_ndb_struct_na_base_pair.i_label_comp_id 
_ndb_struct_na_base_pair.i_label_seq_id 
_ndb_struct_na_base_pair.i_symmetry 
_ndb_struct_na_base_pair.j_label_asym_id 
_ndb_struct_na_base_pair.j_label_comp_id 
_ndb_struct_na_base_pair.j_label_seq_id 
_ndb_struct_na_base_pair.j_symmetry 
_ndb_struct_na_base_pair.shear 
_ndb_struct_na_base_pair.stretch 
_ndb_struct_na_base_pair.stagger 
_ndb_struct_na_base_pair.buckle 
_ndb_struct_na_base_pair.propeller 
_ndb_struct_na_base_pair.opening 
_ndb_struct_na_base_pair.pair_number 
_ndb_struct_na_base_pair.pair_name 
_ndb_struct_na_base_pair.i_auth_asym_id 
_ndb_struct_na_base_pair.i_auth_seq_id 
_ndb_struct_na_base_pair.i_PDB_ins_code 
_ndb_struct_na_base_pair.j_auth_asym_id 
_ndb_struct_na_base_pair.j_auth_seq_id 
_ndb_struct_na_base_pair.j_PDB_ins_code 
_ndb_struct_na_base_pair.hbond_type_28 
_ndb_struct_na_base_pair.hbond_type_12 
1 A DC 2 1_555 B DG 7 1_555 -0.275 -0.093 0.210  0.442  0.289  1.421 1 A_DC1:DG12_B A 1 ? B 12 ? 19 1 
1 A DG 3 1_555 B DC 6 1_555 0.262  -0.103 -0.023 -4.993 -2.390 1.782 2 A_DG2:DC11_B A 2 ? B 11 ? 19 1 
1 A DC 4 1_555 B DG 5 1_555 -0.261 -0.144 0.180  2.205  -4.641 1.188 3 A_DC3:DG10_B A 3 ? B 10 ? 19 1 
1 A DG 5 1_555 B DC 4 1_555 0.182  -0.090 0.174  -7.916 -1.071 2.226 4 A_DG4:DC9_B  A 4 ? B 9  ? 19 1 
1 A DC 6 1_555 B DG 3 1_555 -0.232 -0.075 0.156  -1.328 -0.072 1.936 5 A_DC5:DG8_B  A 5 ? B 8  ? 19 1 
1 A DG 7 1_555 B DC 2 1_555 0.214  -0.104 0.322  4.778  3.273  2.599 6 A_DG6:DC7_B  A 6 ? B 7  ? 19 1 
# 
loop_
_ndb_struct_na_base_pair_step.model_number 
_ndb_struct_na_base_pair_step.i_label_asym_id_1 
_ndb_struct_na_base_pair_step.i_label_comp_id_1 
_ndb_struct_na_base_pair_step.i_label_seq_id_1 
_ndb_struct_na_base_pair_step.i_symmetry_1 
_ndb_struct_na_base_pair_step.j_label_asym_id_1 
_ndb_struct_na_base_pair_step.j_label_comp_id_1 
_ndb_struct_na_base_pair_step.j_label_seq_id_1 
_ndb_struct_na_base_pair_step.j_symmetry_1 
_ndb_struct_na_base_pair_step.i_label_asym_id_2 
_ndb_struct_na_base_pair_step.i_label_comp_id_2 
_ndb_struct_na_base_pair_step.i_label_seq_id_2 
_ndb_struct_na_base_pair_step.i_symmetry_2 
_ndb_struct_na_base_pair_step.j_label_asym_id_2 
_ndb_struct_na_base_pair_step.j_label_comp_id_2 
_ndb_struct_na_base_pair_step.j_label_seq_id_2 
_ndb_struct_na_base_pair_step.j_symmetry_2 
_ndb_struct_na_base_pair_step.shift 
_ndb_struct_na_base_pair_step.slide 
_ndb_struct_na_base_pair_step.rise 
_ndb_struct_na_base_pair_step.tilt 
_ndb_struct_na_base_pair_step.roll 
_ndb_struct_na_base_pair_step.twist 
_ndb_struct_na_base_pair_step.x_displacement 
_ndb_struct_na_base_pair_step.y_displacement 
_ndb_struct_na_base_pair_step.helical_rise 
_ndb_struct_na_base_pair_step.inclination 
_ndb_struct_na_base_pair_step.tip 
_ndb_struct_na_base_pair_step.helical_twist 
_ndb_struct_na_base_pair_step.step_number 
_ndb_struct_na_base_pair_step.step_name 
_ndb_struct_na_base_pair_step.i_auth_asym_id_1 
_ndb_struct_na_base_pair_step.i_auth_seq_id_1 
_ndb_struct_na_base_pair_step.i_PDB_ins_code_1 
_ndb_struct_na_base_pair_step.j_auth_asym_id_1 
_ndb_struct_na_base_pair_step.j_auth_seq_id_1 
_ndb_struct_na_base_pair_step.j_PDB_ins_code_1 
_ndb_struct_na_base_pair_step.i_auth_asym_id_2 
_ndb_struct_na_base_pair_step.i_auth_seq_id_2 
_ndb_struct_na_base_pair_step.i_PDB_ins_code_2 
_ndb_struct_na_base_pair_step.j_auth_asym_id_2 
_ndb_struct_na_base_pair_step.j_auth_seq_id_2 
_ndb_struct_na_base_pair_step.j_PDB_ins_code_2 
1 A DC 2 1_555 B DG 7 1_555 A DG 3 1_555 B DC 6 1_555 0.024  5.346  3.660 0.969  -3.028 -6.600  -26.268 5.172  5.503 24.517 7.842  
-7.325  1 AA_DC1DG2:DC11DG12_BB A 1 ? B 12 ? A 2 ? B 11 ? 
1 A DG 3 1_555 B DC 6 1_555 A DC 4 1_555 B DG 5 1_555 -0.200 -1.125 3.319 -1.404 -5.649 -50.513 1.705   -0.330 3.177 6.595  -1.639 
-50.825 2 AA_DG2DC3:DG10DC11_BB A 2 ? B 11 ? A 3 ? B 10 ? 
1 A DC 4 1_555 B DG 5 1_555 A DG 5 1_555 B DC 4 1_555 0.097  5.404  3.890 -0.438 -3.142 -6.789  -25.062 -1.526 5.794 24.826 -3.463 
-7.493  3 AA_DC3DG4:DC9DG10_BB  A 3 ? B 10 ? A 4 ? B 9  ? 
1 A DG 5 1_555 B DC 4 1_555 A DC 6 1_555 B DG 3 1_555 -0.050 -0.931 3.419 0.623  -1.526 -53.352 1.137   -0.014 3.394 1.699  0.694  
-53.376 4 AA_DG4DC5:DG8DC9_BB   A 4 ? B 9  ? A 5 ? B 8  ? 
1 A DC 6 1_555 B DG 3 1_555 A DG 7 1_555 B DC 2 1_555 0.062  5.122  3.470 0.739  -0.481 -8.337  -33.621 2.596  3.739 3.297  5.064  
-8.383  5 AA_DC5DG6:DC7DG8_BB   A 5 ? B 8  ? A 6 ? B 7  ? 
# 
_atom_sites.entry_id                    1M6R 
_atom_sites.fract_transf_matrix[1][1]   0.02934554 
_atom_sites.fract_transf_matrix[1][2]   -0.00407868 
_atom_sites.fract_transf_matrix[1][3]   -0.04714185 
_atom_sites.fract_transf_matrix[2][1]   0.02153150 
_atom_sites.fract_transf_matrix[2][2]   0.02025767 
_atom_sites.fract_transf_matrix[2][3]   0.01165056 
_atom_sites.fract_transf_matrix[3][1]   0.01146657 
_atom_sites.fract_transf_matrix[3][2]   -0.01714588 
_atom_sites.fract_transf_matrix[3][3]   0.00862133 
_atom_sites.fract_transf_vector[1]      0.761636 
_atom_sites.fract_transf_vector[2]      0.510700 
_atom_sites.fract_transf_vector[3]      0.633851 
# 
loop_
_atom_type.symbol 
C 
N 
O 
P 
# 
loop_
_atom_site.group_PDB 
_atom_site.id 
_atom_site.type_symbol 
_atom_site.label_atom_id 
_atom_site.label_alt_id 
_atom_site.label_comp_id 
_atom_site.label_asym_id 
_atom_site.label_entity_id 
_atom_site.label_seq_id 
_atom_site.pdbx_PDB_ins_code 
_atom_site.Cartn_x 
_atom_site.Cartn_y 
_atom_site.Cartn_z 
_atom_site.occupancy 
_atom_site.B_iso_or_equiv 
_atom_site.pdbx_formal_charge 
_atom_site.auth_seq_id 
_atom_site.auth_comp_id 
_atom_site.auth_asym_id 
_atom_site.auth_atom_id 
_atom_site.pdbx_PDB_model_num 
ATOM   1   O "O5'" . DC  A 1 2 ? -0.777  8.534   -8.144  1.00 13.53 ? 1   DC  A "O5'" 1 
ATOM   2   C "C5'" . DC  A 1 2 ? -0.785  7.108   -8.312  1.00 14.08 ? 1   DC  A "C5'" 1 
ATOM   3   C "C4'" . DC  A 1 2 ? -1.985  6.438   -7.676  1.00 12.62 ? 1   DC  A "C4'" 1 
ATOM   4   O "O4'" . DC  A 1 2 ? -1.893  6.536   -6.229  1.00 11.98 ? 1   DC  A "O4'" 1 
ATOM   5   C "C3'" . DC  A 1 2 ? -3.336  7.050   -8.057  1.00 11.77 ? 1   DC  A "C3'" 1 
ATOM   6   O "O3'" . DC  A 1 2 ? -4.341  6.032   -8.102  1.00 13.71 ? 1   DC  A "O3'" 1 
ATOM   7   C "C2'" . DC  A 1 2 ? -3.644  7.955   -6.874  1.00 10.94 ? 1   DC  A "C2'" 1 
ATOM   8   C "C1'" . DC  A 1 2 ? -3.062  7.173   -5.718  1.00 10.91 ? 1   DC  A "C1'" 1 
ATOM   9   N N1    . DC  A 1 2 ? -2.654  8.027   -4.576  1.00 10.93 ? 1   DC  A N1    1 
ATOM   10  C C2    . DC  A 1 2 ? -3.549  8.180   -3.512  1.00 11.63 ? 1   DC  A C2    1 
ATOM   11  O O2    . DC  A 1 2 ? -4.649  7.619   -3.575  1.00 11.79 ? 1   DC  A O2    1 
ATOM   12  N N3    . DC  A 1 2 ? -3.193  8.940   -2.459  1.00 9.58  ? 1   DC  A N3    1 
ATOM   13  C C4    . DC  A 1 2 ? -2.021  9.566   -2.451  1.00 10.32 ? 1   DC  A C4    1 
ATOM   14  N N4    . DC  A 1 2 ? -1.728  10.327  -1.396  1.00 13.60 ? 1   DC  A N4    1 
ATOM   15  C C5    . DC  A 1 2 ? -1.089  9.446   -3.536  1.00 10.94 ? 1   DC  A C5    1 
ATOM   16  C C6    . DC  A 1 2 ? -1.443  8.664   -4.559  1.00 10.82 ? 1   DC  A C6    1 
ATOM   17  P P     . DG  A 1 3 ? -4.677  5.286   -9.487  1.00 13.11 ? 2   DG  A P     1 
ATOM   18  O OP1   . DG  A 1 3 ? -4.620  6.262   -10.612 1.00 15.22 ? 2   DG  A OP1   1 
ATOM   19  O OP2   . DG  A 1 3 ? -5.932  4.513   -9.229  1.00 15.02 ? 2   DG  A OP2   1 
ATOM   20  O "O5'" . DG  A 1 3 ? -3.467  4.286   -9.680  1.00 13.24 ? 2   DG  A "O5'" 1 
ATOM   21  C "C5'" . DG  A 1 3 ? -3.209  3.270   -8.739  1.00 13.50 ? 2   DG  A "C5'" 1 
ATOM   22  C "C4'" . DG  A 1 3 ? -1.990  2.504   -9.181  1.00 12.76 ? 2   DG  A "C4'" 1 
ATOM   23  O "O4'" . DG  A 1 3 ? -0.901  3.450   -9.116  1.00 12.20 ? 2   DG  A "O4'" 1 
ATOM   24  C "C3'" . DG  A 1 3 ? -1.619  1.378   -8.229  1.00 12.67 ? 2   DG  A "C3'" 1 
ATOM   25  O "O3'" . DG  A 1 3 ? -2.038  0.131   -8.740  1.00 16.88 ? 2   DG  A "O3'" 1 
ATOM   26  C "C2'" . DG  A 1 3 ? -0.111  1.468   -8.069  1.00 14.05 ? 2   DG  A "C2'" 1 
ATOM   27  C "C1'" . DG  A 1 3 ? 0.285   2.826   -8.638  1.00 12.06 ? 2   DG  A "C1'" 1 
ATOM   28  N N9    . DG  A 1 3 ? 0.822   3.686   -7.596  1.00 11.19 ? 2   DG  A N9    1 
ATOM   29  C C8    . DG  A 1 3 ? 2.000   4.391   -7.633  1.00 14.32 ? 2   DG  A C8    1 
ATOM   30  N N7    . DG  A 1 3 ? 2.192   5.126   -6.572  1.00 14.30 ? 2   DG  A N7    1 
ATOM   31  C C5    . DG  A 1 3 ? 1.077   4.886   -5.773  1.00 11.78 ? 2   DG  A C5    1 
ATOM   32  C C6    . DG  A 1 3 ? 0.735   5.426   -4.509  1.00 10.54 ? 2   DG  A C6    1 
ATOM   33  O O6    . DG  A 1 3 ? 1.360   6.254   -3.843  1.00 13.31 ? 2   DG  A O6    1 
ATOM   34  N N1    . DG  A 1 3 ? -0.484  4.917   -4.038  1.00 10.93 ? 2   DG  A N1    1 
ATOM   35  C C2    . DG  A 1 3 ? -1.262  4.020   -4.714  1.00 11.17 ? 2   DG  A C2    1 
ATOM   36  N N2    . DG  A 1 3 ? -2.423  3.666   -4.118  1.00 12.24 ? 2   DG  A N2    1 
ATOM   37  N N3    . DG  A 1 3 ? -0.944  3.501   -5.911  1.00 10.60 ? 2   DG  A N3    1 
ATOM   38  C C4    . DG  A 1 3 ? 0.230   3.984   -6.373  1.00 12.74 ? 2   DG  A C4    1 
ATOM   39  P P     . DC  A 1 4 ? -3.091  -0.725  -7.889  1.00 17.92 ? 3   DC  A P     1 
ATOM   40  O OP1   . DC  A 1 4 ? -3.409  -1.927  -8.690  1.00 19.12 ? 3   DC  A OP1   1 
ATOM   41  O OP2   . DC  A 1 4 ? -4.201  0.149   -7.422  1.00 18.38 ? 3   DC  A OP2   1 
ATOM   42  O "O5'" . DC  A 1 4 ? -2.196  -1.143  -6.644  1.00 14.47 ? 3   DC  A "O5'" 1 
ATOM   43  C "C5'" . DC  A 1 4 ? -2.347  -2.421  -6.012  1.00 14.13 ? 3   DC  A "C5'" 1 
ATOM   44  C "C4'" . DC  A 1 4 ? -2.500  -2.251  -4.516  1.00 11.72 ? 3   DC  A "C4'" 1 
ATOM   45  O "O4'" . DC  A 1 4 ? -1.279  -1.706  -3.965  1.00 13.52 ? 3   DC  A "O4'" 1 
ATOM   46  C "C3'" . DC  A 1 4 ? -3.604  -1.293  -4.079  1.00 14.20 ? 3   DC  A "C3'" 1 
ATOM   47  O "O3'" . DC  A 1 4 ? -4.124  -1.732  -2.829  1.00 14.19 ? 3   DC  A "O3'" 1 
ATOM   48  C "C2'" . DC  A 1 4 ? -2.850  -0.002  -3.818  1.00 12.28 ? 3   DC  A "C2'" 1 
ATOM   49  C "C1'" . DC  A 1 4 ? -1.583  -0.537  -3.213  1.00 10.82 ? 3   DC  A "C1'" 1 
ATOM   50  N N1    . DC  A 1 4 ? -0.452  0.390   -3.317  1.00 12.46 ? 3   DC  A N1    1 
ATOM   51  C C2    . DC  A 1 4 ? -0.220  1.259   -2.248  1.00 13.10 ? 3   DC  A C2    1 
ATOM   52  O O2    . DC  A 1 4 ? -1.020  1.241   -1.306  1.00 12.32 ? 3   DC  A O2    1 
ATOM   53  N N3    . DC  A 1 4 ? 0.840   2.092   -2.282  1.00 11.50 ? 3   DC  A N3    1 
ATOM   54  C C4    . DC  A 1 4 ? 1.643   2.092   -3.350  1.00 11.46 ? 3   DC  A C4    1 
ATOM   55  N N4    . DC  A 1 4 ? 2.686   2.926   -3.355  1.00 13.01 ? 3   DC  A N4    1 
ATOM   56  C C5    . DC  A 1 4 ? 1.412   1.235   -4.468  1.00 11.69 ? 3   DC  A C5    1 
ATOM   57  C C6    . DC  A 1 4 ? 0.365   0.406   -4.415  1.00 11.00 ? 3   DC  A C6    1 
ATOM   58  P P     . DG  A 1 5 ? -5.520  -2.518  -2.782  1.00 14.76 ? 4   DG  A P     1 
ATOM   59  O OP1   . DG  A 1 5 ? -6.481  -1.961  -3.723  1.00 16.57 ? 4   DG  A OP1   1 
ATOM   60  O OP2   . DG  A 1 5 ? -5.845  -2.622  -1.334  1.00 19.14 ? 4   DG  A OP2   1 
ATOM   61  O "O5'" . DG  A 1 5 ? -5.118  -3.962  -3.314  1.00 13.98 ? 4   DG  A "O5'" 1 
ATOM   62  C "C5'" . DG  A 1 5 ? -4.227  -4.750  -2.591  1.00 12.29 ? 4   DG  A "C5'" 1 
ATOM   63  C "C4'" . DG  A 1 5 ? -3.987  -6.034  -3.336  1.00 11.38 ? 4   DG  A "C4'" 1 
ATOM   64  O "O4'" . DG  A 1 5 ? -3.254  -5.689  -4.540  1.00 11.69 ? 4   DG  A "O4'" 1 
ATOM   65  C "C3'" . DG  A 1 5 ? -3.146  -7.037  -2.556  1.00 12.42 ? 4   DG  A "C3'" 1 
ATOM   66  O "O3'" . DG  A 1 5 ? -4.007  -8.076  -2.080  1.00 12.54 ? 4   DG  A "O3'" 1 
ATOM   67  C "C2'" . DG  A 1 5 ? -2.091  -7.523  -3.558  1.00 13.18 ? 4   DG  A "C2'" 1 
ATOM   68  C "C1'" . DG  A 1 5 ? -2.186  -6.592  -4.773  1.00 11.44 ? 4   DG  A "C1'" 1 
ATOM   69  N N9    . DG  A 1 5 ? -0.978  -5.784  -4.940  1.00 11.10 ? 4   DG  A N9    1 
ATOM   70  C C8    . DG  A 1 5 ? -0.195  -5.720  -6.077  1.00 12.01 ? 4   DG  A C8    1 
ATOM   71  N N7    . DG  A 1 5 ? 0.825   -4.914  -5.949  1.00 11.49 ? 4   DG  A N7    1 
ATOM   72  C C5    . DG  A 1 5 ? 0.721   -4.410  -4.651  1.00 10.50 ? 4   DG  A C5    1 
ATOM   73  C C6    . DG  A 1 5 ? 1.545   -3.495  -3.962  1.00 11.36 ? 4   DG  A C6    1 
ATOM   74  O O6    . DG  A 1 5 ? 2.564   -2.914  -4.369  1.00 12.87 ? 4   DG  A O6    1 
ATOM   75  N N1    . DG  A 1 5 ? 1.077   -3.242  -2.675  1.00 10.27 ? 4   DG  A N1    1 
ATOM   76  C C2    . DG  A 1 5 ? -0.049  -3.791  -2.121  1.00 10.60 ? 4   DG  A C2    1 
ATOM   77  N N2    . DG  A 1 5 ? -0.343  -3.373  -0.843  1.00 12.16 ? 4   DG  A N2    1 
ATOM   78  N N3    . DG  A 1 5 ? -0.832  -4.666  -2.745  1.00 10.98 ? 4   DG  A N3    1 
ATOM   79  C C4    . DG  A 1 5 ? -0.389  -4.930  -4.012  1.00 12.13 ? 4   DG  A C4    1 
ATOM   80  P P     . DC  A 1 6 ? -3.437  -9.217  -1.099  1.00 12.69 ? 5   DC  A P     1 
ATOM   81  O OP1   . DC  A 1 6 ? -2.319  -9.940  -1.719  1.00 14.94 ? 5   DC  A OP1   1 
ATOM   82  O OP2   . DC  A 1 6 ? -4.646  -9.978  -0.689  1.00 13.98 ? 5   DC  A OP2   1 
ATOM   83  O "O5'" . DC  A 1 6 ? -2.867  -8.397  0.149   1.00 10.30 ? 5   DC  A "O5'" 1 
ATOM   84  C "C5'" . DC  A 1 6 ? -2.574  -9.086  1.375   1.00 9.99  ? 5   DC  A "C5'" 1 
ATOM   85  C "C4'" . DC  A 1 6 ? -1.759  -8.209  2.292   1.00 9.18  ? 5   DC  A "C4'" 1 
ATOM   86  O "O4'" . DC  A 1 6 ? -0.399  -8.099  1.800   1.00 12.23 ? 5   DC  A "O4'" 1 
ATOM   87  C "C3'" . DC  A 1 6 ? -2.287  -6.788  2.414   1.00 11.13 ? 5   DC  A "C3'" 1 
ATOM   88  O "O3'" . DC  A 1 6 ? -2.096  -6.341  3.753   1.00 12.49 ? 5   DC  A "O3'" 1 
ATOM   89  C "C2'" . DC  A 1 6 ? -1.385  -6.000  1.473   1.00 9.73  ? 5   DC  A "C2'" 1 
ATOM   90  C "C1'" . DC  A 1 6 ? -0.063  -6.727  1.635   1.00 11.54 ? 5   DC  A "C1'" 1 
ATOM   91  N N1    . DC  A 1 6 ? 0.785   -6.652  0.440   1.00 8.73  ? 5   DC  A N1    1 
ATOM   92  C C2    . DC  A 1 6 ? 1.867   -5.771  0.419   1.00 10.94 ? 5   DC  A C2    1 
ATOM   93  O O2    . DC  A 1 6 ? 2.083   -5.052  1.414   1.00 10.79 ? 5   DC  A O2    1 
ATOM   94  N N3    . DC  A 1 6 ? 2.646   -5.721  -0.684  1.00 10.99 ? 5   DC  A N3    1 
ATOM   95  C C4    . DC  A 1 6 ? 2.375   -6.507  -1.737  1.00 9.21  ? 5   DC  A C4    1 
ATOM   96  N N4    . DC  A 1 6 ? 3.187   -6.423  -2.819  1.00 11.13 ? 5   DC  A N4    1 
ATOM   97  C C5    . DC  A 1 6 ? 1.266   -7.405  -1.748  1.00 9.84  ? 5   DC  A C5    1 
ATOM   98  C C6    . DC  A 1 6 ? 0.504   -7.447  -0.642  1.00 11.39 ? 5   DC  A C6    1 
ATOM   99  P P     . DG  A 1 7 ? -3.320  -6.462  4.802   1.00 12.34 ? 6   DG  A P     1 
ATOM   100 O OP1   . DG  A 1 7 ? -4.602  -6.142  4.141   1.00 13.25 ? 6   DG  A OP1   1 
ATOM   101 O OP2   . DG  A 1 7 ? -2.872  -5.651  5.960   1.00 14.02 ? 6   DG  A OP2   1 
ATOM   102 O "O5'" . DG  A 1 7 ? -3.312  -7.997  5.208   1.00 12.09 ? 6   DG  A "O5'" 1 
ATOM   103 C "C5'" . DG  A 1 7 ? -2.349  -8.525  6.095   1.00 13.29 ? 6   DG  A "C5'" 1 
ATOM   104 C "C4'" . DG  A 1 7 ? -2.664  -9.981  6.325   1.00 12.88 ? 6   DG  A "C4'" 1 
ATOM   105 O "O4'" . DG  A 1 7 ? -2.579  -10.657 5.043   1.00 11.95 ? 6   DG  A "O4'" 1 
ATOM   106 C "C3'" . DG  A 1 7 ? -1.739  -10.728 7.276   1.00 14.94 ? 6   DG  A "C3'" 1 
ATOM   107 O "O3'" . DG  A 1 7 ? -2.547  -11.716 7.962   1.00 15.97 ? 6   DG  A "O3'" 1 
ATOM   108 C "C2'" . DG  A 1 7 ? -0.761  -11.402 6.337   1.00 12.63 ? 6   DG  A "C2'" 1 
ATOM   109 C "C1'" . DG  A 1 7 ? -1.628  -11.698 5.115   1.00 12.31 ? 6   DG  A "C1'" 1 
ATOM   110 N N9    . DG  A 1 7 ? -0.931  -11.737 3.827   1.00 11.41 ? 6   DG  A N9    1 
ATOM   111 C C8    . DG  A 1 7 ? -1.222  -12.574 2.786   1.00 11.29 ? 6   DG  A C8    1 
ATOM   112 N N7    . DG  A 1 7 ? -0.430  -12.411 1.756   1.00 11.47 ? 6   DG  A N7    1 
ATOM   113 C C5    . DG  A 1 7 ? 0.439   -11.396 2.140   1.00 11.39 ? 6   DG  A C5    1 
ATOM   114 C C6    . DG  A 1 7 ? 1.490   -10.781 1.423   1.00 11.31 ? 6   DG  A C6    1 
ATOM   115 O O6    . DG  A 1 7 ? 1.862   -11.022 0.277   1.00 13.56 ? 6   DG  A O6    1 
ATOM   116 N N1    . DG  A 1 7 ? 2.116   -9.777  2.163   1.00 10.61 ? 6   DG  A N1    1 
ATOM   117 C C2    . DG  A 1 7 ? 1.740   -9.391  3.426   1.00 11.25 ? 6   DG  A C2    1 
ATOM   118 N N2    . DG  A 1 7 ? 2.439   -8.362  3.955   1.00 10.62 ? 6   DG  A N2    1 
ATOM   119 N N3    . DG  A 1 7 ? 0.750   -9.962  4.110   1.00 10.35 ? 6   DG  A N3    1 
ATOM   120 C C4    . DG  A 1 7 ? 0.146   -10.952 3.410   1.00 10.83 ? 6   DG  A C4    1 
ATOM   121 O "O5'" . DC  B 1 2 ? 9.867   -5.925  -0.353  1.00 15.69 ? 7   DC  B "O5'" 1 
ATOM   122 C "C5'" . DC  B 1 2 ? 9.527   -4.531  -0.098  1.00 12.00 ? 7   DC  B "C5'" 1 
ATOM   123 C "C4'" . DC  B 1 2 ? 8.624   -4.411  1.111   1.00 12.67 ? 7   DC  B "C4'" 1 
ATOM   124 O "O4'" . DC  B 1 2 ? 7.296   -4.864  0.740   1.00 11.86 ? 7   DC  B "O4'" 1 
ATOM   125 C "C3'" . DC  B 1 2 ? 9.038   -5.262  2.319   1.00 12.75 ? 7   DC  B "C3'" 1 
ATOM   126 O "O3'" . DC  B 1 2 ? 8.648   -4.608  3.543   1.00 11.72 ? 7   DC  B "O3'" 1 
ATOM   127 C "C2'" . DC  B 1 2 ? 8.176   -6.496  2.173   1.00 12.23 ? 7   DC  B "C2'" 1 
ATOM   128 C "C1'" . DC  B 1 2 ? 6.896   -5.904  1.632   1.00 9.28  ? 7   DC  B "C1'" 1 
ATOM   129 N N1    . DC  B 1 2 ? 6.116   -6.873  0.861   1.00 10.15 ? 7   DC  B N1    1 
ATOM   130 C C2    . DC  B 1 2 ? 4.997   -7.465  1.444   1.00 11.32 ? 7   DC  B C2    1 
ATOM   131 O O2    . DC  B 1 2 ? 4.696   -7.177  2.628   1.00 11.80 ? 7   DC  B O2    1 
ATOM   132 N N3    . DC  B 1 2 ? 4.269   -8.350  0.730   1.00 10.92 ? 7   DC  B N3    1 
ATOM   133 C C4    . DC  B 1 2 ? 4.637   -8.671  -0.516  1.00 11.55 ? 7   DC  B C4    1 
ATOM   134 N N4    . DC  B 1 2 ? 3.883   -9.562  -1.167  1.00 12.92 ? 7   DC  B N4    1 
ATOM   135 C C5    . DC  B 1 2 ? 5.788   -8.087  -1.140  1.00 10.37 ? 7   DC  B C5    1 
ATOM   136 C C6    . DC  B 1 2 ? 6.488   -7.197  -0.425  1.00 10.80 ? 7   DC  B C6    1 
ATOM   137 P P     . DG  B 1 3 ? 9.687   -3.643  4.306   1.00 11.87 ? 8   DG  B P     1 
ATOM   138 O OP1   . DG  B 1 3 ? 11.081  -4.187  4.281   1.00 15.07 ? 8   DG  B OP1   1 
ATOM   139 O OP2   . DG  B 1 3 ? 9.058   -3.290  5.620   1.00 13.48 ? 8   DG  B OP2   1 
ATOM   140 O "O5'" . DG  B 1 3 ? 9.652   -2.301  3.475   1.00 12.72 ? 8   DG  B "O5'" 1 
ATOM   141 C "C5'" . DG  B 1 3 ? 8.444   -1.622  3.281   1.00 10.74 ? 8   DG  B "C5'" 1 
ATOM   142 C "C4'" . DG  B 1 3 ? 8.677   -0.428  2.397   1.00 9.67  ? 8   DG  B "C4'" 1 
ATOM   143 O "O4'" . DG  B 1 3 ? 9.065   -0.947  1.102   1.00 11.13 ? 8   DG  B "O4'" 1 
ATOM   144 C "C3'" . DG  B 1 3 ? 7.395   0.355   2.170   1.00 11.23 ? 8   DG  B "C3'" 1 
ATOM   145 O "O3'" . DG  B 1 3 ? 7.424   1.510   2.965   1.00 10.89 ? 8   DG  B "O3'" 1 
ATOM   146 C "C2'" . DG  B 1 3 ? 7.378   0.669   0.680   1.00 11.95 ? 8   DG  B "C2'" 1 
ATOM   147 C "C1'" . DG  B 1 3 ? 8.472   -0.204  0.062   1.00 10.90 ? 8   DG  B "C1'" 1 
ATOM   148 N N9    . DG  B 1 3 ? 7.905   -1.171  -0.869  1.00 11.13 ? 8   DG  B N9    1 
ATOM   149 C C8    . DG  B 1 3 ? 8.341   -1.466  -2.130  1.00 10.88 ? 8   DG  B C8    1 
ATOM   150 N N7    . DG  B 1 3 ? 7.625   -2.391  -2.715  1.00 12.02 ? 8   DG  B N7    1 
ATOM   151 C C5    . DG  B 1 3 ? 6.650   -2.729  -1.784  1.00 11.40 ? 8   DG  B C5    1 
ATOM   152 C C6    . DG  B 1 3 ? 5.585   -3.690  -1.859  1.00 11.66 ? 8   DG  B C6    1 
ATOM   153 O O6    . DG  B 1 3 ? 5.293   -4.458  -2.791  1.00 11.87 ? 8   DG  B O6    1 
ATOM   154 N N1    . DG  B 1 3 ? 4.827   -3.703  -0.689  1.00 11.09 ? 8   DG  B N1    1 
ATOM   155 C C2    . DG  B 1 3 ? 5.073   -2.918  0.412   1.00 10.52 ? 8   DG  B C2    1 
ATOM   156 N N2    . DG  B 1 3 ? 4.243   -3.108  1.476   1.00 10.15 ? 8   DG  B N2    1 
ATOM   157 N N3    . DG  B 1 3 ? 6.052   -2.024  0.489   1.00 10.07 ? 8   DG  B N3    1 
ATOM   158 C C4    . DG  B 1 3 ? 6.797   -1.986  -0.641  1.00 11.47 ? 8   DG  B C4    1 
ATOM   159 P P     . DC  B 1 4 ? 6.307   1.682   4.106   1.00 11.97 ? 9   DC  B P     1 
ATOM   160 O OP1   . DC  B 1 4 ? 6.778   2.836   4.935   1.00 12.74 ? 9   DC  B OP1   1 
ATOM   161 O OP2   . DC  B 1 4 ? 6.110   0.369   4.764   1.00 13.06 ? 9   DC  B OP2   1 
ATOM   162 O "O5'" . DC  B 1 4 ? 5.031   2.078   3.252   1.00 10.92 ? 9   DC  B "O5'" 1 
ATOM   163 C "C5'" . DC  B 1 4 ? 4.051   3.006   3.736   1.00 12.61 ? 9   DC  B "C5'" 1 
ATOM   164 C "C4'" . DC  B 1 4 ? 2.662   2.434   3.537   1.00 10.91 ? 9   DC  B "C4'" 1 
ATOM   165 O "O4'" . DC  B 1 4 ? 2.422   2.215   2.124   1.00 11.51 ? 9   DC  B "O4'" 1 
ATOM   166 C "C3'" . DC  B 1 4 ? 2.436   1.075   4.210   1.00 11.30 ? 9   DC  B "C3'" 1 
ATOM   167 O "O3'" . DC  B 1 4 ? 1.063   0.969   4.636   1.00 12.38 ? 9   DC  B "O3'" 1 
ATOM   168 C "C2'" . DC  B 1 4 ? 2.617   0.085   3.071   1.00 11.49 ? 9   DC  B "C2'" 1 
ATOM   169 C "C1'" . DC  B 1 4 ? 2.034   0.854   1.911   1.00 11.41 ? 9   DC  B "C1'" 1 
ATOM   170 N N1    . DC  B 1 4 ? 2.572   0.434   0.602   1.00 11.75 ? 9   DC  B N1    1 
ATOM   171 C C2    . DC  B 1 4 ? 1.937   -0.600  -0.090  1.00 11.06 ? 9   DC  B C2    1 
ATOM   172 O O2    . DC  B 1 4 ? 0.948   -1.151  0.443   1.00 10.96 ? 9   DC  B O2    1 
ATOM   173 N N3    . DC  B 1 4 ? 2.410   -0.975  -1.301  1.00 11.94 ? 9   DC  B N3    1 
ATOM   174 C C4    . DC  B 1 4 ? 3.489   -0.370  -1.808  1.00 13.13 ? 9   DC  B C4    1 
ATOM   175 N N4    . DC  B 1 4 ? 3.958   -0.792  -2.994  1.00 13.20 ? 9   DC  B N4    1 
ATOM   176 C C5    . DC  B 1 4 ? 4.153   0.681   -1.124  1.00 13.36 ? 9   DC  B C5    1 
ATOM   177 C C6    . DC  B 1 4 ? 3.669   1.049   0.072   1.00 12.47 ? 9   DC  B C6    1 
ATOM   178 P P     . DG  B 1 5 ? 0.675   1.310   6.156   1.00 13.46 ? 10  DG  B P     1 
ATOM   179 O OP1   . DG  B 1 5 ? 1.734   0.852   7.106   1.00 14.30 ? 10  DG  B OP1   1 
ATOM   180 O OP2   . DG  B 1 5 ? -0.721  0.762   6.276   1.00 15.73 ? 10  DG  B OP2   1 
ATOM   181 O "O5'" . DG  B 1 5 ? 0.639   2.896   6.191   1.00 12.54 ? 10  DG  B "O5'" 1 
ATOM   182 C "C5'" . DG  B 1 5 ? -0.253  3.597   5.349   1.00 13.15 ? 10  DG  B "C5'" 1 
ATOM   183 C "C4'" . DG  B 1 5 ? -0.103  5.078   5.574   1.00 11.05 ? 10  DG  B "C4'" 1 
ATOM   184 O "O4'" . DG  B 1 5 ? 1.215   5.441   5.094   1.00 13.83 ? 10  DG  B "O4'" 1 
ATOM   185 C "C3'" . DG  B 1 5 ? -1.109  5.869   4.752   1.00 13.83 ? 10  DG  B "C3'" 1 
ATOM   186 O "O3'" . DG  B 1 5 ? -2.131  6.358   5.606   1.00 16.30 ? 10  DG  B "O3'" 1 
ATOM   187 C "C2'" . DG  B 1 5 ? -0.299  6.980   4.098   1.00 14.50 ? 10  DG  B "C2'" 1 
ATOM   188 C "C1'" . DG  B 1 5 ? 1.164   6.621   4.307   1.00 12.65 ? 10  DG  B "C1'" 1 
ATOM   189 N N9    . DG  B 1 5 ? 1.846   6.332   3.040   1.00 11.69 ? 10  DG  B N9    1 
ATOM   190 C C8    . DG  B 1 5 ? 3.030   6.870   2.600   1.00 13.50 ? 10  DG  B C8    1 
ATOM   191 N N7    . DG  B 1 5 ? 3.403   6.406   1.427   1.00 13.20 ? 10  DG  B N7    1 
ATOM   192 C C5    . DG  B 1 5 ? 2.396   5.520   1.064   1.00 11.78 ? 10  DG  B C5    1 
ATOM   193 C C6    . DG  B 1 5 ? 2.258   4.721   -0.104  1.00 11.50 ? 10  DG  B C6    1 
ATOM   194 O O6    . DG  B 1 5 ? 3.053   4.618   -1.076  1.00 13.48 ? 10  DG  B O6    1 
ATOM   195 N N1    . DG  B 1 5 ? 1.077   3.970   -0.078  1.00 11.84 ? 10  DG  B N1    1 
ATOM   196 C C2    . DG  B 1 5 ? 0.167   3.966   0.969   1.00 11.59 ? 10  DG  B C2    1 
ATOM   197 N N2    . DG  B 1 5 ? -0.891  3.148   0.843   1.00 10.73 ? 10  DG  B N2    1 
ATOM   198 N N3    . DG  B 1 5 ? 0.294   4.709   2.060   1.00 10.45 ? 10  DG  B N3    1 
ATOM   199 C C4    . DG  B 1 5 ? 1.420   5.458   2.044   1.00 11.50 ? 10  DG  B C4    1 
ATOM   200 P P     . DC  B 1 6 ? -3.635  5.842   5.394   1.00 17.75 ? 11  DC  B P     1 
ATOM   201 O OP1   . DC  B 1 6 ? -4.460  6.501   6.452   1.00 20.02 ? 11  DC  B OP1   1 
ATOM   202 O OP2   . DC  B 1 6 ? -3.670  4.366   5.260   1.00 17.15 ? 11  DC  B OP2   1 
ATOM   203 O "O5'" . DC  B 1 6 ? -4.027  6.473   3.994   1.00 14.01 ? 11  DC  B "O5'" 1 
ATOM   204 C "C5'" . DC  B 1 6 ? -5.351  6.923   3.746   1.00 11.45 ? 11  DC  B "C5'" 1 
ATOM   205 C "C4'" . DC  B 1 6 ? -5.822  6.372   2.423   1.00 13.30 ? 11  DC  B "C4'" 1 
ATOM   206 O "O4'" . DC  B 1 6 ? -4.978  6.915   1.384   1.00 14.42 ? 11  DC  B "O4'" 1 
ATOM   207 C "C3'" . DC  B 1 6 ? -5.697  4.851   2.316   1.00 13.44 ? 11  DC  B "C3'" 1 
ATOM   208 O "O3'" . DC  B 1 6 ? -6.815  4.343   1.587   1.00 14.77 ? 11  DC  B "O3'" 1 
ATOM   209 C "C2'" . DC  B 1 6 ? -4.420  4.659   1.504   1.00 12.31 ? 11  DC  B "C2'" 1 
ATOM   210 C "C1'" . DC  B 1 6 ? -4.435  5.857   0.592   1.00 11.73 ? 11  DC  B "C1'" 1 
ATOM   211 N N1    . DC  B 1 6 ? -3.078  6.262   0.143   1.00 10.49 ? 11  DC  B N1    1 
ATOM   212 C C2    . DC  B 1 6 ? -2.583  5.717   -1.042  1.00 12.43 ? 11  DC  B C2    1 
ATOM   213 O O2    . DC  B 1 6 ? -3.276  4.886   -1.652  1.00 11.36 ? 11  DC  B O2    1 
ATOM   214 N N3    . DC  B 1 6 ? -1.361  6.097   -1.488  1.00 12.28 ? 11  DC  B N3    1 
ATOM   215 C C4    . DC  B 1 6 ? -0.632  6.970   -0.784  1.00 11.22 ? 11  DC  B C4    1 
ATOM   216 N N4    . DC  B 1 6 ? 0.574   7.315   -1.260  1.00 12.04 ? 11  DC  B N4    1 
ATOM   217 C C5    . DC  B 1 6 ? -1.103  7.528   0.448   1.00 12.74 ? 11  DC  B C5    1 
ATOM   218 C C6    . DC  B 1 6 ? -2.326  7.148   0.865   1.00 12.15 ? 11  DC  B C6    1 
ATOM   219 P P     . DG  B 1 7 ? -8.070  3.731   2.389   1.00 14.85 ? 12  DG  B P     1 
ATOM   220 O OP1   . DG  B 1 7 ? -7.597  2.855   3.474   1.00 16.07 ? 12  DG  B OP1   1 
ATOM   221 O OP2   . DG  B 1 7 ? -8.999  3.189   1.372   1.00 18.06 ? 12  DG  B OP2   1 
ATOM   222 O "O5'" . DG  B 1 7 ? -8.739  4.995   3.080   1.00 13.95 ? 12  DG  B "O5'" 1 
ATOM   223 C "C5'" . DG  B 1 7 ? -9.547  5.903   2.359   1.00 12.87 ? 12  DG  B "C5'" 1 
ATOM   224 C "C4'" . DG  B 1 7 ? -9.990  7.024   3.273   1.00 11.44 ? 12  DG  B "C4'" 1 
ATOM   225 O "O4'" . DG  B 1 7 ? -8.838  7.852   3.600   1.00 11.54 ? 12  DG  B "O4'" 1 
ATOM   226 C "C3'" . DG  B 1 7 ? -10.994 7.964   2.606   1.00 15.03 ? 12  DG  B "C3'" 1 
ATOM   227 O "O3'" . DG  B 1 7 ? -11.823 8.585   3.622   1.00 14.55 ? 12  DG  B "O3'" 1 
ATOM   228 C "C2'" . DG  B 1 7 ? -10.104 9.037   2.009   1.00 13.22 ? 12  DG  B "C2'" 1 
ATOM   229 C "C1'" . DG  B 1 7 ? -9.058  9.163   3.099   1.00 11.32 ? 12  DG  B "C1'" 1 
ATOM   230 N N9    . DG  B 1 7 ? -7.762  9.706   2.716   1.00 10.41 ? 12  DG  B N9    1 
ATOM   231 C C8    . DG  B 1 7 ? -7.001  10.554  3.471   1.00 10.03 ? 12  DG  B C8    1 
ATOM   232 N N7    . DG  B 1 7 ? -5.856  10.847  2.927   1.00 11.86 ? 12  DG  B N7    1 
ATOM   233 C C5    . DG  B 1 7 ? -5.859  10.161  1.713   1.00 10.03 ? 12  DG  B C5    1 
ATOM   234 C C6    . DG  B 1 7 ? -4.866  10.114  0.681   1.00 11.66 ? 12  DG  B C6    1 
ATOM   235 O O6    . DG  B 1 7 ? -3.766  10.685  0.646   1.00 13.63 ? 12  DG  B O6    1 
ATOM   236 N N1    . DG  B 1 7 ? -5.268  9.309   -0.374  1.00 10.61 ? 12  DG  B N1    1 
ATOM   237 C C2    . DG  B 1 7 ? -6.466  8.626   -0.437  1.00 11.39 ? 12  DG  B C2    1 
ATOM   238 N N2    . DG  B 1 7 ? -6.664  7.868   -1.531  1.00 12.02 ? 12  DG  B N2    1 
ATOM   239 N N3    . DG  B 1 7 ? -7.407  8.675   0.516   1.00 10.32 ? 12  DG  B N3    1 
ATOM   240 C C4    . DG  B 1 7 ? -7.030  9.456   1.553   1.00 11.03 ? 12  DG  B C4    1 
HETATM 241 O O     . HOH C 2 . ? -3.176  -3.097  0.469   1.00 19.55 ? 101 HOH A O     1 
HETATM 242 O O     . HOH C 2 . ? -0.045  -11.193 -1.750  1.00 22.34 ? 102 HOH A O     1 
HETATM 243 O O     . HOH C 2 . ? 4.868   5.527   -6.260  1.00 25.64 ? 113 HOH A O     1 
HETATM 244 O O     . HOH C 2 . ? -4.705  2.204   -5.562  1.00 15.57 ? 114 HOH A O     1 
HETATM 245 O O     . HOH C 2 . ? -6.435  4.118   -6.578  1.00 22.57 ? 115 HOH A O     1 
HETATM 246 O O     . HOH C 2 . ? -3.820  2.055   -1.065  1.00 22.44 ? 116 HOH A O     1 
HETATM 247 O O     . HOH C 2 . ? 0.507   -3.122  2.964   1.00 26.49 ? 117 HOH A O     1 
HETATM 248 O O     . HOH C 2 . ? 4.374   2.527   -5.691  1.00 27.12 ? 118 HOH A O     1 
HETATM 249 O O     . HOH C 2 . ? 2.390   -8.433  -4.811  1.00 19.93 ? 119 HOH A O     1 
HETATM 250 O O     . HOH C 2 . ? 0.126   -8.065  9.302   1.00 16.13 ? 121 HOH A O     1 
HETATM 251 O O     . HOH C 2 . ? 1.159   -6.923  6.743   1.00 21.49 ? 123 HOH A O     1 
HETATM 252 O O     . HOH C 2 . ? 0.993   11.526  -1.227  1.00 27.79 ? 124 HOH A O     1 
HETATM 253 O O     . HOH C 2 . ? -0.449  -14.010 -2.661  1.00 30.00 ? 127 HOH A O     1 
HETATM 254 O O     . HOH C 2 . ? 1.926   9.157   -8.070  1.00 16.26 ? 128 HOH A O     1 
HETATM 255 O O     . HOH C 2 . ? -2.329  -7.183  10.158  1.00 32.19 ? 134 HOH A O     1 
HETATM 256 O O     . HOH C 2 . ? -4.970  -5.254  -6.730  1.00 20.08 ? 135 HOH A O     1 
HETATM 257 O O     . HOH C 2 . ? -1.687  -4.009  -9.278  1.00 27.53 ? 136 HOH A O     1 
HETATM 258 O O     . HOH C 2 . ? 2.123   -1.455  -6.838  1.00 25.85 ? 137 HOH A O     1 
HETATM 259 O O     . HOH C 2 . ? 4.298   5.828   -3.643  1.00 30.80 ? 139 HOH A O     1 
HETATM 260 O O     . HOH C 2 . ? 4.487   7.884   -8.562  1.00 36.37 ? 140 HOH A O     1 
HETATM 261 O O     . HOH C 2 . ? 2.273   8.768   -4.686  1.00 28.59 ? 148 HOH A O     1 
HETATM 262 O O     . HOH C 2 . ? 5.495   -6.923  -6.767  1.00 29.35 ? 149 HOH A O     1 
HETATM 263 O O     . HOH C 2 . ? 3.881   -4.470  -6.687  1.00 42.83 ? 150 HOH A O     1 
HETATM 264 O O     . HOH C 2 . ? -6.262  1.067   -3.492  1.00 35.18 ? 151 HOH A O     1 
HETATM 265 O O     . HOH C 2 . ? -7.411  -6.467  -6.636  1.00 36.26 ? 152 HOH A O     1 
HETATM 266 O O     . HOH C 2 . ? -0.336  -4.784  6.004   1.00 28.70 ? 161 HOH A O     1 
HETATM 267 O O     . HOH D 2 . ? 4.955   -2.103  4.322   1.00 14.96 ? 103 HOH B O     1 
HETATM 268 O O     . HOH D 2 . ? 6.427   -3.909  5.909   1.00 15.13 ? 104 HOH B O     1 
HETATM 269 O O     . HOH D 2 . ? 7.042   -8.354  5.808   1.00 24.09 ? 105 HOH B O     1 
HETATM 270 O O     . HOH D 2 . ? 6.265   0.617   7.646   1.00 18.24 ? 106 HOH B O     1 
HETATM 271 O O     . HOH D 2 . ? 4.017   2.120   7.671   1.00 15.87 ? 107 HOH B O     1 
HETATM 272 O O     . HOH D 2 . ? 7.011   5.235   3.792   1.00 18.26 ? 108 HOH B O     1 
HETATM 273 O O     . HOH D 2 . ? 9.376   2.053   5.633   1.00 19.54 ? 109 HOH B O     1 
HETATM 274 O O     . HOH D 2 . ? 0.317   0.638   9.646   1.00 22.13 ? 110 HOH B O     1 
HETATM 275 O O     . HOH D 2 . ? -6.021  3.066   5.491   1.00 29.99 ? 111 HOH B O     1 
HETATM 276 O O     . HOH D 2 . ? -2.828  2.469   3.152   1.00 20.78 ? 112 HOH B O     1 
HETATM 277 O O     . HOH D 2 . ? 5.062   -9.710  -4.050  1.00 27.36 ? 120 HOH B O     1 
HETATM 278 O O     . HOH D 2 . ? -1.812  -0.574  1.065   1.00 25.85 ? 122 HOH B O     1 
HETATM 279 O O     . HOH D 2 . ? 0.589   9.957   2.621   1.00 27.40 ? 125 HOH B O     1 
HETATM 280 O O     . HOH D 2 . ? -2.150  10.369  2.762   1.00 30.11 ? 126 HOH B O     1 
HETATM 281 O O     . HOH D 2 . ? 2.475   -1.791  7.756   1.00 26.12 ? 129 HOH B O     1 
HETATM 282 O O     . HOH D 2 . ? 5.765   -4.378  8.517   1.00 31.19 ? 130 HOH B O     1 
HETATM 283 O O     . HOH D 2 . ? 5.624   4.154   -0.735  1.00 31.34 ? 131 HOH B O     1 
HETATM 284 O O     . HOH D 2 . ? 2.743   -2.922  5.346   1.00 22.70 ? 132 HOH B O     1 
HETATM 285 O O     . HOH D 2 . ? -1.336  -2.981  10.143  1.00 35.67 ? 133 HOH B O     1 
HETATM 286 O O     . HOH D 2 . ? 6.299   0.659   -4.124  1.00 28.24 ? 138 HOH B O     1 
HETATM 287 O O     . HOH D 2 . ? -2.026  -0.368  4.227   1.00 26.33 ? 141 HOH B O     1 
HETATM 288 O O     . HOH D 2 . ? 3.932   -1.911  10.231  1.00 35.74 ? 142 HOH B O     1 
HETATM 289 O O     . HOH D 2 . ? 1.171   -2.760  10.802  1.00 37.38 ? 143 HOH B O     1 
HETATM 290 O O     . HOH D 2 . ? 2.207   -10.879 -3.363  1.00 26.94 ? 144 HOH B O     1 
HETATM 291 O O     . HOH D 2 . ? -6.117  2.085   7.925   1.00 32.27 ? 145 HOH B O     1 
HETATM 292 O O     . HOH D 2 . ? -2.223  13.061  0.899   1.00 31.77 ? 146 HOH B O     1 
HETATM 293 O O     . HOH D 2 . ? 1.806   9.447   0.414   1.00 32.01 ? 147 HOH B O     1 
HETATM 294 O O     . HOH D 2 . ? 5.499   -6.478  5.045   1.00 21.44 ? 153 HOH B O     1 
HETATM 295 O O     . HOH D 2 . ? -3.846  -0.944  8.905   1.00 37.68 ? 154 HOH B O     1 
HETATM 296 O O     . HOH D 2 . ? -8.383  0.185   4.206   1.00 38.68 ? 155 HOH B O     1 
HETATM 297 O O     . HOH D 2 . ? 9.154   -0.751  6.695   1.00 32.39 ? 156 HOH B O     1 
HETATM 298 O O     . HOH D 2 . ? -11.459 2.061   1.894   1.00 40.01 ? 157 HOH B O     1 
HETATM 299 O O     . HOH D 2 . ? 3.252   -3.597  11.611  1.00 39.38 ? 158 HOH B O     1 
HETATM 300 O O     . HOH D 2 . ? -5.816  4.421   -2.780  1.00 32.67 ? 159 HOH B O     1 
HETATM 301 O O     . HOH D 2 . ? -0.668  -2.189  7.068   1.00 31.85 ? 160 HOH B O     1 
HETATM 302 O O     . HOH D 2 . ? 5.158   7.738   0.128   1.00 33.20 ? 162 HOH B O     1 
HETATM 303 O O     . HOH D 2 . ? -5.046  13.631  3.497   1.00 32.37 ? 163 HOH B O     1 
# 
